data_1ZES
#
_entry.id   1ZES
#
_cell.length_a   77.869
_cell.length_b   77.869
_cell.length_c   109.071
_cell.angle_alpha   90.00
_cell.angle_beta   90.00
_cell.angle_gamma   90.00
#
_symmetry.space_group_name_H-M   'P 43 21 2'
#
loop_
_entity.id
_entity.type
_entity.pdbx_description
1 polymer 'Phosphate regulon transcriptional regulatory protein phoB'
2 non-polymer 'MAGNESIUM ION'
3 non-polymer 'BERYLLIUM TRIFLUORIDE ION'
4 water water
#
_entity_poly.entity_id   1
_entity_poly.type   'polypeptide(L)'
_entity_poly.pdbx_seq_one_letter_code
;MARRILVVEDEAPIREMVCFVLEQNGFQPVEAEDYDSAVNQLNEPWPDLILLDWMLPGGSGIQFIKHLKRESMTRDIPVV
MLTARGEEEDRVRGLETGADDYITKPFSPKELVARIKAVMRRISQ
;
_entity_poly.pdbx_strand_id   A,B,C
#
# COMPACT_ATOMS: atom_id res chain seq x y z
N ARG A 3 -7.83 -13.45 -4.55
CA ARG A 3 -8.54 -14.75 -4.84
C ARG A 3 -9.86 -14.85 -4.07
N ARG A 4 -10.94 -15.20 -4.77
CA ARG A 4 -12.27 -15.24 -4.14
C ARG A 4 -12.55 -16.62 -3.60
N ILE A 5 -13.08 -16.69 -2.39
CA ILE A 5 -13.41 -17.97 -1.76
C ILE A 5 -14.89 -18.02 -1.36
N LEU A 6 -15.63 -19.00 -1.90
CA LEU A 6 -17.02 -19.22 -1.47
C LEU A 6 -17.03 -20.04 -0.20
N VAL A 7 -17.43 -19.40 0.89
CA VAL A 7 -17.44 -20.09 2.18
C VAL A 7 -18.87 -20.67 2.48
N VAL A 8 -19.03 -22.00 2.45
CA VAL A 8 -20.36 -22.63 2.62
C VAL A 8 -20.42 -23.28 3.97
N GLU A 9 -21.23 -22.71 4.86
CA GLU A 9 -21.23 -23.15 6.26
C GLU A 9 -22.48 -22.61 6.91
N ASP A 10 -23.25 -23.45 7.57
CA ASP A 10 -24.54 -22.99 8.12
C ASP A 10 -24.51 -22.44 9.53
N GLU A 11 -23.44 -22.70 10.28
CA GLU A 11 -23.34 -22.10 11.60
C GLU A 11 -22.73 -20.73 11.42
N ALA A 12 -23.58 -19.71 11.52
CA ALA A 12 -23.17 -18.35 11.19
C ALA A 12 -21.96 -17.83 11.97
N PRO A 13 -21.90 -18.02 13.30
CA PRO A 13 -20.66 -17.58 13.96
C PRO A 13 -19.34 -18.27 13.50
N ILE A 14 -19.39 -19.57 13.22
CA ILE A 14 -18.25 -20.27 12.61
C ILE A 14 -17.94 -19.74 11.20
N ARG A 15 -18.97 -19.59 10.36
CA ARG A 15 -18.79 -18.99 9.04
C ARG A 15 -18.06 -17.64 9.10
N GLU A 16 -18.49 -16.77 10.01
CA GLU A 16 -17.93 -15.42 10.12
C GLU A 16 -16.46 -15.48 10.57
N MET A 17 -16.17 -16.36 11.51
CA MET A 17 -14.80 -16.59 11.99
C MET A 17 -13.92 -17.04 10.85
N VAL A 18 -14.40 -18.03 10.09
CA VAL A 18 -13.69 -18.53 8.92
C VAL A 18 -13.44 -17.42 7.89
N CYS A 19 -14.46 -16.61 7.61
CA CYS A 19 -14.28 -15.47 6.69
C CYS A 19 -13.23 -14.49 7.20
N PHE A 20 -13.17 -14.27 8.50
CA PHE A 20 -12.12 -13.42 9.09
C PHE A 20 -10.71 -13.96 8.86
N VAL A 21 -10.49 -15.22 9.24
CA VAL A 21 -9.21 -15.86 8.92
C VAL A 21 -8.82 -15.70 7.43
N LEU A 22 -9.75 -16.02 6.54
CA LEU A 22 -9.47 -15.89 5.11
C LEU A 22 -9.17 -14.44 4.70
N GLU A 23 -9.99 -13.47 5.14
CA GLU A 23 -9.68 -12.03 4.89
C GLU A 23 -8.28 -11.67 5.35
N GLN A 24 -7.92 -12.09 6.57
CA GLN A 24 -6.61 -11.76 7.09
C GLN A 24 -5.47 -12.42 6.32
N ASN A 25 -5.81 -13.44 5.53
CA ASN A 25 -4.81 -14.17 4.75
C ASN A 25 -4.86 -13.89 3.25
N GLY A 26 -5.41 -12.74 2.90
CA GLY A 26 -5.32 -12.28 1.51
C GLY A 26 -6.47 -12.66 0.60
N PHE A 27 -7.51 -13.29 1.14
CA PHE A 27 -8.60 -13.77 0.30
C PHE A 27 -9.80 -12.87 0.40
N GLN A 28 -10.71 -13.01 -0.56
CA GLN A 28 -11.94 -12.28 -0.59
C GLN A 28 -13.09 -13.27 -0.43
N PRO A 29 -13.48 -13.56 0.84
CA PRO A 29 -14.55 -14.57 0.98
C PRO A 29 -15.96 -14.04 0.62
N VAL A 30 -16.81 -14.97 0.18
CA VAL A 30 -18.22 -14.76 -0.08
C VAL A 30 -19.01 -15.81 0.70
N GLU A 31 -20.13 -15.44 1.33
CA GLU A 31 -20.82 -16.37 2.24
C GLU A 31 -21.99 -17.13 1.63
N ALA A 32 -22.13 -18.42 1.96
CA ALA A 32 -23.35 -19.18 1.70
C ALA A 32 -23.72 -19.99 2.95
N GLU A 33 -24.99 -19.95 3.33
CA GLU A 33 -25.42 -20.56 4.61
C GLU A 33 -26.11 -21.92 4.46
N ASP A 34 -26.40 -22.32 3.23
CA ASP A 34 -27.03 -23.61 2.99
C ASP A 34 -26.77 -24.04 1.58
N TYR A 35 -27.32 -25.20 1.24
CA TYR A 35 -27.10 -25.82 -0.05
C TYR A 35 -27.52 -24.88 -1.17
N ASP A 36 -28.75 -24.40 -1.11
CA ASP A 36 -29.29 -23.59 -2.20
C ASP A 36 -28.58 -22.23 -2.39
N SER A 37 -28.20 -21.59 -1.29
CA SER A 37 -27.38 -20.37 -1.35
C SER A 37 -26.04 -20.66 -2.02
N ALA A 38 -25.42 -21.81 -1.71
CA ALA A 38 -24.13 -22.13 -2.31
C ALA A 38 -24.31 -22.27 -3.82
N VAL A 39 -25.33 -23.03 -4.24
CA VAL A 39 -25.63 -23.16 -5.67
C VAL A 39 -25.83 -21.78 -6.34
N ASN A 40 -26.66 -20.93 -5.73
CA ASN A 40 -26.91 -19.58 -6.27
C ASN A 40 -25.73 -18.64 -6.24
N GLN A 41 -24.93 -18.74 -5.18
CA GLN A 41 -23.77 -17.87 -5.00
C GLN A 41 -22.65 -18.31 -5.91
N LEU A 42 -22.75 -19.55 -6.36
CA LEU A 42 -21.77 -20.12 -7.27
C LEU A 42 -22.03 -19.63 -8.67
N ASN A 43 -21.42 -18.50 -9.01
CA ASN A 43 -21.73 -17.83 -10.29
C ASN A 43 -20.67 -16.78 -10.55
N GLU A 44 -20.82 -16.00 -11.61
CA GLU A 44 -19.87 -14.94 -11.88
C GLU A 44 -20.03 -13.77 -10.88
N PRO A 45 -18.91 -13.19 -10.39
CA PRO A 45 -17.52 -13.56 -10.63
C PRO A 45 -17.18 -14.88 -9.93
N TRP A 46 -16.66 -15.85 -10.69
CA TRP A 46 -16.47 -17.20 -10.15
C TRP A 46 -15.56 -17.23 -8.92
N PRO A 47 -15.85 -18.14 -7.97
CA PRO A 47 -14.86 -18.31 -6.89
C PRO A 47 -13.63 -19.06 -7.37
N ASP A 48 -12.46 -18.66 -6.86
CA ASP A 48 -11.24 -19.38 -7.15
C ASP A 48 -11.24 -20.71 -6.43
N LEU A 49 -11.94 -20.78 -5.28
CA LEU A 49 -12.09 -22.01 -4.51
C LEU A 49 -13.34 -21.94 -3.65
N ILE A 50 -13.88 -23.11 -3.37
CA ILE A 50 -15.07 -23.27 -2.56
C ILE A 50 -14.70 -24.04 -1.27
N LEU A 51 -14.93 -23.44 -0.13
CA LEU A 51 -14.61 -24.07 1.16
C LEU A 51 -15.93 -24.53 1.73
N LEU A 52 -16.09 -25.84 1.93
CA LEU A 52 -17.43 -26.41 1.94
C LEU A 52 -17.71 -27.27 3.17
N ASP A 53 -18.71 -26.87 3.95
CA ASP A 53 -19.17 -27.67 5.12
C ASP A 53 -19.94 -28.85 4.55
N TRP A 54 -19.97 -29.96 5.29
CA TRP A 54 -20.72 -31.13 4.83
C TRP A 54 -22.22 -31.03 5.19
N MET A 55 -22.52 -30.93 6.47
CA MET A 55 -23.90 -30.92 6.95
C MET A 55 -24.49 -29.52 6.87
N LEU A 56 -25.42 -29.37 5.91
CA LEU A 56 -26.05 -28.11 5.53
C LEU A 56 -27.53 -28.32 5.32
N PRO A 57 -28.37 -27.31 5.64
CA PRO A 57 -29.79 -27.36 5.28
C PRO A 57 -30.02 -27.47 3.78
N GLY A 58 -30.96 -28.33 3.39
CA GLY A 58 -31.33 -28.42 2.00
C GLY A 58 -30.48 -29.36 1.16
N GLY A 59 -29.45 -29.97 1.75
CA GLY A 59 -28.56 -30.87 0.98
C GLY A 59 -27.11 -30.80 1.43
N SER A 60 -26.44 -31.96 1.44
CA SER A 60 -25.09 -32.06 1.96
C SER A 60 -24.05 -31.46 1.00
N GLY A 61 -22.87 -31.17 1.54
CA GLY A 61 -21.77 -30.75 0.70
C GLY A 61 -21.36 -31.83 -0.30
N ILE A 62 -21.52 -33.11 0.02
CA ILE A 62 -21.29 -34.19 -0.94
C ILE A 62 -22.14 -34.01 -2.20
N GLN A 63 -23.41 -33.71 -1.97
CA GLN A 63 -24.33 -33.48 -3.07
C GLN A 63 -23.95 -32.21 -3.84
N PHE A 64 -23.49 -31.20 -3.14
CA PHE A 64 -23.00 -29.98 -3.79
C PHE A 64 -21.82 -30.30 -4.73
N ILE A 65 -20.85 -31.10 -4.27
CA ILE A 65 -19.73 -31.48 -5.14
C ILE A 65 -20.21 -32.23 -6.39
N LYS A 66 -21.23 -33.07 -6.21
CA LYS A 66 -21.81 -33.74 -7.37
C LYS A 66 -22.40 -32.73 -8.35
N HIS A 67 -23.04 -31.69 -7.81
CA HIS A 67 -23.61 -30.60 -8.61
C HIS A 67 -22.50 -29.90 -9.40
N LEU A 68 -21.38 -29.61 -8.73
CA LEU A 68 -20.25 -28.90 -9.32
C LEU A 68 -19.61 -29.70 -10.46
N LYS A 69 -19.45 -31.00 -10.19
CA LYS A 69 -18.73 -31.88 -11.09
C LYS A 69 -19.57 -32.28 -12.29
N ARG A 70 -20.90 -32.24 -12.17
CA ARG A 70 -21.78 -32.56 -13.31
C ARG A 70 -21.78 -31.44 -14.36
N GLU A 71 -21.50 -30.22 -13.93
CA GLU A 71 -21.59 -29.03 -14.79
C GLU A 71 -20.20 -28.64 -15.30
N SER A 72 -20.00 -28.78 -16.61
CA SER A 72 -18.70 -28.52 -17.20
C SER A 72 -18.17 -27.12 -16.88
N MET A 73 -19.07 -26.16 -16.62
CA MET A 73 -18.65 -24.80 -16.31
C MET A 73 -18.03 -24.68 -14.92
N THR A 74 -18.27 -25.64 -14.04
CA THR A 74 -17.84 -25.53 -12.64
C THR A 74 -16.94 -26.67 -12.18
N ARG A 75 -16.76 -27.68 -13.01
CA ARG A 75 -16.13 -28.92 -12.57
C ARG A 75 -14.64 -28.77 -12.22
N ASP A 76 -13.99 -27.70 -12.68
CA ASP A 76 -12.56 -27.51 -12.41
C ASP A 76 -12.31 -26.59 -11.23
N ILE A 77 -13.38 -26.08 -10.61
CA ILE A 77 -13.22 -25.20 -9.45
C ILE A 77 -12.83 -26.05 -8.24
N PRO A 78 -11.68 -25.72 -7.60
CA PRO A 78 -11.31 -26.56 -6.44
C PRO A 78 -12.29 -26.42 -5.28
N VAL A 79 -12.43 -27.52 -4.54
CA VAL A 79 -13.28 -27.59 -3.38
C VAL A 79 -12.44 -28.23 -2.27
N VAL A 80 -12.47 -27.58 -1.12
CA VAL A 80 -11.86 -28.09 0.10
C VAL A 80 -12.99 -28.24 1.13
N MET A 81 -13.22 -29.46 1.63
CA MET A 81 -14.27 -29.59 2.65
C MET A 81 -13.73 -29.22 4.04
N LEU A 82 -14.59 -28.64 4.88
CA LEU A 82 -14.20 -28.27 6.25
C LEU A 82 -15.42 -28.60 7.10
N THR A 83 -15.31 -29.62 7.93
CA THR A 83 -16.50 -30.27 8.45
C THR A 83 -16.22 -30.99 9.74
N ALA A 84 -17.27 -31.12 10.56
CA ALA A 84 -17.16 -31.87 11.80
C ALA A 84 -17.21 -33.40 11.60
N ARG A 85 -17.52 -33.84 10.38
CA ARG A 85 -17.52 -35.28 10.04
C ARG A 85 -16.08 -35.76 9.84
N GLY A 86 -15.54 -36.33 10.90
CA GLY A 86 -14.16 -36.74 10.96
C GLY A 86 -13.83 -38.21 10.78
N GLU A 87 -14.85 -39.07 10.72
CA GLU A 87 -14.61 -40.52 10.53
C GLU A 87 -13.88 -40.80 9.22
N GLU A 88 -13.03 -41.82 9.19
CA GLU A 88 -12.31 -42.19 7.95
C GLU A 88 -13.25 -42.32 6.76
N GLU A 89 -14.40 -42.96 6.98
CA GLU A 89 -15.34 -43.22 5.87
C GLU A 89 -15.76 -41.91 5.21
N ASP A 90 -15.90 -40.86 6.01
CA ASP A 90 -16.36 -39.57 5.50
C ASP A 90 -15.30 -38.83 4.75
N ARG A 91 -14.08 -38.80 5.32
CA ARG A 91 -12.92 -38.23 4.64
C ARG A 91 -12.76 -38.85 3.27
N VAL A 92 -12.74 -40.18 3.19
CA VAL A 92 -12.69 -40.86 1.89
C VAL A 92 -13.88 -40.47 1.04
N ARG A 93 -15.09 -40.45 1.59
CA ARG A 93 -16.26 -40.14 0.76
C ARG A 93 -16.14 -38.76 0.10
N GLY A 94 -15.70 -37.77 0.88
CA GLY A 94 -15.55 -36.40 0.36
C GLY A 94 -14.53 -36.33 -0.76
N LEU A 95 -13.35 -36.89 -0.49
CA LEU A 95 -12.30 -36.91 -1.51
C LEU A 95 -12.72 -37.62 -2.79
N GLU A 96 -13.33 -38.79 -2.67
CA GLU A 96 -13.73 -39.59 -3.83
C GLU A 96 -14.82 -38.92 -4.68
N THR A 97 -15.62 -38.06 -4.05
CA THR A 97 -16.69 -37.38 -4.78
C THR A 97 -16.10 -36.26 -5.64
N GLY A 98 -14.94 -35.74 -5.22
CA GLY A 98 -14.31 -34.70 -6.02
C GLY A 98 -13.61 -33.61 -5.25
N ALA A 99 -13.63 -33.69 -3.91
CA ALA A 99 -12.97 -32.69 -3.05
C ALA A 99 -11.47 -32.78 -3.27
N ASP A 100 -10.84 -31.63 -3.38
CA ASP A 100 -9.38 -31.58 -3.52
C ASP A 100 -8.68 -31.76 -2.18
N ASP A 101 -9.38 -31.45 -1.08
CA ASP A 101 -8.87 -31.67 0.28
C ASP A 101 -10.07 -31.73 1.21
N TYR A 102 -9.83 -32.19 2.44
CA TYR A 102 -10.88 -32.46 3.40
C TYR A 102 -10.29 -32.19 4.77
N ILE A 103 -10.79 -31.16 5.44
CA ILE A 103 -10.25 -30.76 6.76
C ILE A 103 -11.33 -30.89 7.82
N THR A 104 -10.94 -31.41 9.00
CA THR A 104 -11.94 -31.70 10.04
C THR A 104 -11.95 -30.58 11.09
N LYS A 105 -13.13 -30.29 11.63
CA LYS A 105 -13.28 -29.37 12.75
C LYS A 105 -13.01 -30.14 14.07
N PRO A 106 -12.36 -29.51 15.07
CA PRO A 106 -11.77 -28.18 15.12
C PRO A 106 -10.47 -28.23 14.34
N PHE A 107 -10.11 -27.08 13.75
CA PHE A 107 -9.00 -26.96 12.85
C PHE A 107 -8.02 -25.88 13.32
N SER A 108 -6.81 -25.95 12.80
CA SER A 108 -5.83 -24.92 12.96
C SER A 108 -5.99 -23.91 11.83
N PRO A 109 -6.13 -22.59 12.15
CA PRO A 109 -6.28 -21.57 11.08
C PRO A 109 -5.07 -21.48 10.15
N LYS A 110 -3.87 -21.76 10.67
CA LYS A 110 -2.65 -21.91 9.84
C LYS A 110 -2.67 -23.09 8.85
N GLU A 111 -3.09 -24.26 9.30
CA GLU A 111 -3.25 -25.39 8.42
C GLU A 111 -4.38 -25.17 7.41
N LEU A 112 -5.45 -24.52 7.82
CA LEU A 112 -6.56 -24.27 6.87
C LEU A 112 -6.05 -23.43 5.70
N VAL A 113 -5.42 -22.31 6.02
CA VAL A 113 -4.87 -21.43 5.00
C VAL A 113 -3.77 -22.13 4.15
N ALA A 114 -2.89 -22.92 4.79
CA ALA A 114 -1.84 -23.64 4.09
C ALA A 114 -2.37 -24.62 3.05
N ARG A 115 -3.43 -25.36 3.43
CA ARG A 115 -4.10 -26.28 2.50
C ARG A 115 -4.80 -25.56 1.38
N ILE A 116 -5.49 -24.46 1.68
CA ILE A 116 -6.15 -23.69 0.61
C ILE A 116 -5.09 -23.20 -0.39
N LYS A 117 -3.99 -22.62 0.13
CA LYS A 117 -2.97 -22.11 -0.78
C LYS A 117 -2.27 -23.26 -1.55
N ALA A 118 -2.07 -24.41 -0.91
CA ALA A 118 -1.53 -25.58 -1.62
C ALA A 118 -2.40 -25.97 -2.82
N VAL A 119 -3.70 -26.05 -2.57
CA VAL A 119 -4.64 -26.35 -3.63
C VAL A 119 -4.59 -25.26 -4.73
N MET A 120 -4.64 -23.99 -4.33
CA MET A 120 -4.53 -22.86 -5.27
C MET A 120 -3.24 -22.86 -6.11
N ARG A 121 -2.14 -23.39 -5.55
CA ARG A 121 -0.87 -23.52 -6.29
C ARG A 121 -1.01 -24.53 -7.43
N ARG A 122 -1.83 -25.55 -7.22
CA ARG A 122 -2.10 -26.61 -8.19
C ARG A 122 -3.15 -26.30 -9.26
N ILE A 123 -3.44 -25.02 -9.52
CA ILE A 123 -4.19 -24.67 -10.73
C ILE A 123 -3.50 -23.54 -11.49
N ARG B 3 8.53 17.49 -17.81
CA ARG B 3 10.00 17.51 -17.64
C ARG B 3 10.54 18.92 -17.41
N ARG B 4 9.65 19.91 -17.28
CA ARG B 4 10.03 21.30 -17.06
C ARG B 4 10.07 21.56 -15.55
N ILE B 5 11.20 22.11 -15.08
CA ILE B 5 11.34 22.39 -13.65
C ILE B 5 11.69 23.86 -13.40
N LEU B 6 10.87 24.52 -12.59
CA LEU B 6 11.18 25.87 -12.22
C LEU B 6 12.00 25.86 -10.90
N VAL B 7 13.24 26.34 -10.97
CA VAL B 7 14.17 26.37 -9.81
C VAL B 7 14.16 27.77 -9.21
N VAL B 8 13.54 27.89 -8.02
CA VAL B 8 13.42 29.17 -7.33
C VAL B 8 14.44 29.19 -6.20
N GLU B 9 15.52 29.92 -6.40
CA GLU B 9 16.65 29.92 -5.47
C GLU B 9 17.39 31.25 -5.64
N ASP B 10 17.58 32.00 -4.56
CA ASP B 10 18.19 33.33 -4.67
C ASP B 10 19.71 33.33 -4.87
N GLU B 11 20.38 32.25 -4.42
CA GLU B 11 21.85 32.17 -4.50
C GLU B 11 22.28 31.59 -5.84
N ALA B 12 22.79 32.48 -6.69
CA ALA B 12 23.17 32.15 -8.05
C ALA B 12 23.94 30.84 -8.23
N PRO B 13 25.08 30.66 -7.50
CA PRO B 13 25.92 29.42 -7.66
C PRO B 13 25.15 28.14 -7.31
N ILE B 14 24.33 28.21 -6.27
CA ILE B 14 23.52 27.05 -5.90
C ILE B 14 22.46 26.79 -6.99
N ARG B 15 21.77 27.85 -7.40
CA ARG B 15 20.68 27.70 -8.36
C ARG B 15 21.19 27.05 -9.64
N GLU B 16 22.34 27.53 -10.07
CA GLU B 16 22.92 27.11 -11.34
C GLU B 16 23.44 25.71 -11.21
N MET B 17 23.98 25.36 -10.05
CA MET B 17 24.38 23.98 -9.77
C MET B 17 23.16 23.05 -9.84
N VAL B 18 22.07 23.44 -9.19
CA VAL B 18 20.86 22.60 -9.18
C VAL B 18 20.37 22.42 -10.64
N CYS B 19 20.31 23.49 -11.41
CA CYS B 19 19.94 23.39 -12.85
C CYS B 19 20.82 22.42 -13.63
N PHE B 20 22.12 22.50 -13.40
CA PHE B 20 23.02 21.57 -14.08
C PHE B 20 22.70 20.11 -13.72
N VAL B 21 22.49 19.82 -12.43
CA VAL B 21 22.14 18.48 -11.97
C VAL B 21 20.86 18.05 -12.65
N LEU B 22 19.90 18.95 -12.75
CA LEU B 22 18.62 18.62 -13.39
C LEU B 22 18.76 18.32 -14.90
N GLU B 23 19.52 19.16 -15.57
CA GLU B 23 19.92 18.94 -16.97
C GLU B 23 20.59 17.58 -17.20
N GLN B 24 21.53 17.22 -16.34
CA GLN B 24 22.19 15.92 -16.39
C GLN B 24 21.20 14.77 -16.39
N ASN B 25 20.10 14.99 -15.70
CA ASN B 25 19.07 13.97 -15.44
C ASN B 25 17.82 14.09 -16.33
N GLY B 26 17.97 14.81 -17.43
CA GLY B 26 16.95 14.77 -18.47
C GLY B 26 15.85 15.80 -18.30
N PHE B 27 16.02 16.72 -17.33
CA PHE B 27 15.04 17.78 -17.05
C PHE B 27 15.44 19.09 -17.74
N GLN B 28 14.48 19.99 -17.92
CA GLN B 28 14.76 21.27 -18.55
C GLN B 28 14.42 22.34 -17.51
N PRO B 29 15.43 22.86 -16.81
CA PRO B 29 15.17 23.84 -15.77
C PRO B 29 15.01 25.24 -16.28
N VAL B 30 14.24 26.03 -15.55
CA VAL B 30 14.18 27.50 -15.70
C VAL B 30 14.44 28.12 -14.33
N GLU B 31 15.05 29.31 -14.34
CA GLU B 31 15.58 29.90 -13.11
C GLU B 31 14.72 31.06 -12.66
N ALA B 32 14.54 31.20 -11.34
CA ALA B 32 14.03 32.45 -10.75
C ALA B 32 14.89 32.74 -9.56
N GLU B 33 15.25 34.02 -9.36
CA GLU B 33 16.21 34.41 -8.36
C GLU B 33 15.61 35.10 -7.12
N ASP B 34 14.30 35.35 -7.16
CA ASP B 34 13.57 35.95 -6.07
C ASP B 34 12.07 35.71 -6.21
N TYR B 35 11.29 36.18 -5.25
CA TYR B 35 9.86 35.87 -5.22
C TYR B 35 9.17 36.37 -6.50
N ASP B 36 9.25 37.67 -6.79
CA ASP B 36 8.63 38.22 -8.02
C ASP B 36 9.04 37.54 -9.33
N SER B 37 10.33 37.17 -9.46
CA SER B 37 10.83 36.41 -10.61
C SER B 37 10.16 35.04 -10.71
N ALA B 38 9.87 34.44 -9.57
CA ALA B 38 9.23 33.14 -9.56
C ALA B 38 7.79 33.25 -10.05
N VAL B 39 7.06 34.24 -9.55
CA VAL B 39 5.69 34.48 -10.01
C VAL B 39 5.67 34.76 -11.52
N ASN B 40 6.59 35.60 -11.99
CA ASN B 40 6.67 35.91 -13.42
C ASN B 40 6.98 34.71 -14.29
N GLN B 41 7.82 33.84 -13.77
CA GLN B 41 8.31 32.67 -14.47
C GLN B 41 7.29 31.55 -14.54
N LEU B 42 6.16 31.69 -13.84
CA LEU B 42 5.05 30.71 -13.94
C LEU B 42 4.24 30.91 -15.24
N ASN B 43 4.70 30.39 -16.35
CA ASN B 43 4.02 30.58 -17.63
C ASN B 43 4.21 29.46 -18.64
N TRP B 46 4.87 26.54 -18.68
CA TRP B 46 4.49 26.18 -17.33
C TRP B 46 5.33 24.98 -16.89
N PRO B 47 5.77 24.97 -15.62
CA PRO B 47 6.61 23.88 -15.18
C PRO B 47 5.79 22.67 -14.76
N ASP B 48 6.41 21.50 -14.84
CA ASP B 48 5.82 20.27 -14.38
C ASP B 48 5.97 20.15 -12.86
N LEU B 49 6.99 20.82 -12.33
CA LEU B 49 7.34 20.76 -10.89
C LEU B 49 8.17 21.98 -10.51
N ILE B 50 7.95 22.50 -9.30
CA ILE B 50 8.66 23.68 -8.80
C ILE B 50 9.56 23.24 -7.66
N LEU B 51 10.86 23.54 -7.81
CA LEU B 51 11.88 23.31 -6.79
C LEU B 51 12.14 24.65 -6.10
N LEU B 52 11.86 24.70 -4.80
CA LEU B 52 11.57 25.97 -4.15
C LEU B 52 12.35 26.15 -2.85
N ASP B 53 13.23 27.13 -2.88
CA ASP B 53 13.95 27.60 -1.71
C ASP B 53 12.99 28.35 -0.78
N TRP B 54 13.31 28.38 0.52
CA TRP B 54 12.43 29.10 1.46
C TRP B 54 12.77 30.59 1.56
N MET B 55 13.98 30.90 2.03
CA MET B 55 14.44 32.28 2.24
C MET B 55 14.83 32.94 0.93
N LEU B 56 13.98 33.87 0.50
CA LEU B 56 14.15 34.55 -0.78
C LEU B 56 13.86 36.04 -0.60
N PRO B 57 14.57 36.89 -1.36
CA PRO B 57 14.21 38.31 -1.43
C PRO B 57 12.80 38.46 -2.01
N GLY B 58 12.00 39.32 -1.39
CA GLY B 58 10.69 39.64 -1.92
C GLY B 58 9.49 38.89 -1.38
N GLY B 59 9.76 37.83 -0.62
CA GLY B 59 8.71 36.97 -0.05
C GLY B 59 9.25 35.55 0.04
N SER B 60 8.71 34.75 0.94
CA SER B 60 9.31 33.46 1.27
C SER B 60 8.72 32.36 0.37
N GLY B 61 9.37 31.20 0.33
CA GLY B 61 8.82 30.03 -0.33
C GLY B 61 7.47 29.58 0.27
N ILE B 62 7.31 29.78 1.57
CA ILE B 62 6.03 29.54 2.25
C ILE B 62 4.91 30.37 1.64
N GLN B 63 5.14 31.67 1.53
CA GLN B 63 4.20 32.55 0.85
C GLN B 63 3.98 32.12 -0.62
N PHE B 64 5.05 31.74 -1.31
CA PHE B 64 4.91 31.30 -2.72
C PHE B 64 3.99 30.07 -2.82
N ILE B 65 4.14 29.12 -1.91
CA ILE B 65 3.23 27.97 -1.86
C ILE B 65 1.75 28.40 -1.64
N LYS B 66 1.49 29.26 -0.65
CA LYS B 66 0.13 29.73 -0.42
C LYS B 66 -0.44 30.41 -1.66
N HIS B 67 0.40 31.16 -2.35
CA HIS B 67 0.07 31.83 -3.64
C HIS B 67 -0.35 30.78 -4.67
N LEU B 68 0.50 29.78 -4.91
CA LEU B 68 0.18 28.71 -5.85
C LEU B 68 -1.11 28.03 -5.49
N LYS B 69 -1.32 27.79 -4.20
CA LYS B 69 -2.46 26.96 -3.79
C LYS B 69 -3.78 27.74 -3.82
N ARG B 70 -3.75 29.04 -3.72
CA ARG B 70 -5.02 29.73 -3.76
C ARG B 70 -5.56 29.91 -5.19
N GLU B 71 -4.68 29.76 -6.19
CA GLU B 71 -5.07 29.89 -7.58
C GLU B 71 -5.34 28.53 -8.24
N SER B 72 -6.59 28.31 -8.66
CA SER B 72 -7.00 27.06 -9.29
C SER B 72 -6.04 26.59 -10.38
N MET B 73 -5.56 27.55 -11.19
CA MET B 73 -4.79 27.09 -12.35
C MET B 73 -3.38 26.64 -11.89
N THR B 74 -2.85 26.91 -10.69
CA THR B 74 -1.53 26.47 -10.22
C THR B 74 -1.57 25.50 -9.03
N ARG B 75 -2.75 25.31 -8.44
CA ARG B 75 -2.98 24.47 -7.25
C ARG B 75 -2.45 23.02 -7.37
N ASP B 76 -2.34 22.48 -8.58
CA ASP B 76 -1.96 21.08 -8.78
C ASP B 76 -0.48 20.91 -9.13
N ILE B 77 0.24 22.00 -9.34
CA ILE B 77 1.67 21.88 -9.72
C ILE B 77 2.45 21.37 -8.51
N PRO B 78 3.17 20.26 -8.65
CA PRO B 78 3.90 19.87 -7.44
C PRO B 78 5.08 20.79 -7.11
N VAL B 79 5.37 20.86 -5.81
CA VAL B 79 6.39 21.72 -5.21
C VAL B 79 7.24 20.86 -4.29
N VAL B 80 8.54 20.88 -4.53
CA VAL B 80 9.47 20.28 -3.64
C VAL B 80 10.29 21.45 -3.08
N MET B 81 10.26 21.65 -1.76
CA MET B 81 11.17 22.63 -1.11
C MET B 81 12.59 22.12 -0.97
N LEU B 82 13.54 23.02 -1.14
CA LEU B 82 14.95 22.72 -1.08
C LEU B 82 15.60 23.91 -0.40
N THR B 83 15.93 23.71 0.88
CA THR B 83 16.18 24.84 1.74
C THR B 83 17.17 24.52 2.84
N ALA B 84 17.93 25.52 3.26
CA ALA B 84 18.80 25.37 4.42
C ALA B 84 18.01 25.32 5.75
N ARG B 85 16.73 25.65 5.75
CA ARG B 85 15.92 25.59 6.97
C ARG B 85 15.59 24.14 7.27
N GLY B 86 16.35 23.57 8.19
CA GLY B 86 16.30 22.12 8.43
C GLY B 86 15.69 21.66 9.74
N GLU B 87 15.13 22.58 10.52
CA GLU B 87 14.61 22.15 11.81
C GLU B 87 13.23 21.53 11.69
N GLU B 88 12.86 20.67 12.65
CA GLU B 88 11.61 19.96 12.56
C GLU B 88 10.41 20.84 12.24
N GLU B 89 10.25 21.97 12.95
CA GLU B 89 9.13 22.86 12.71
C GLU B 89 9.11 23.33 11.26
N ASP B 90 10.30 23.59 10.70
CA ASP B 90 10.43 24.12 9.33
C ASP B 90 9.97 23.06 8.31
N ARG B 91 10.46 21.83 8.45
CA ARG B 91 10.07 20.74 7.56
C ARG B 91 8.60 20.49 7.67
N VAL B 92 8.07 20.50 8.89
CA VAL B 92 6.64 20.35 9.09
C VAL B 92 5.82 21.49 8.45
N ARG B 93 6.24 22.74 8.67
CA ARG B 93 5.53 23.89 8.13
C ARG B 93 5.46 23.86 6.60
N GLY B 94 6.58 23.58 5.95
CA GLY B 94 6.60 23.48 4.47
C GLY B 94 5.63 22.45 3.92
N LEU B 95 5.63 21.26 4.51
CA LEU B 95 4.75 20.21 4.07
C LEU B 95 3.31 20.62 4.35
N GLU B 96 3.06 21.11 5.56
CA GLU B 96 1.67 21.47 5.94
C GLU B 96 1.12 22.64 5.12
N THR B 97 2.00 23.47 4.58
CA THR B 97 1.59 24.60 3.74
C THR B 97 1.14 24.07 2.37
N GLY B 98 1.71 22.95 1.93
CA GLY B 98 1.32 22.36 0.66
C GLY B 98 2.44 21.82 -0.19
N ALA B 99 3.65 21.80 0.36
CA ALA B 99 4.76 21.16 -0.37
C ALA B 99 4.59 19.64 -0.42
N ASP B 100 4.94 19.07 -1.57
CA ASP B 100 4.89 17.64 -1.80
C ASP B 100 6.05 16.93 -1.12
N ASP B 101 7.17 17.66 -1.00
CA ASP B 101 8.36 17.14 -0.33
C ASP B 101 9.17 18.33 0.16
N TYR B 102 10.14 18.06 1.01
CA TYR B 102 10.95 19.08 1.66
C TYR B 102 12.32 18.43 1.89
N ILE B 103 13.31 19.01 1.24
CA ILE B 103 14.67 18.49 1.24
C ILE B 103 15.59 19.57 1.80
N THR B 104 16.43 19.22 2.77
CA THR B 104 17.29 20.22 3.39
C THR B 104 18.66 20.31 2.70
N LYS B 105 19.23 21.51 2.68
CA LYS B 105 20.61 21.70 2.21
C LYS B 105 21.55 21.58 3.40
N PRO B 106 22.75 21.02 3.20
CA PRO B 106 23.23 20.45 1.93
C PRO B 106 22.55 19.09 1.63
N PHE B 107 22.34 18.83 0.35
CA PHE B 107 21.55 17.68 -0.09
C PHE B 107 22.38 16.67 -0.89
N SER B 108 21.87 15.44 -1.00
CA SER B 108 22.38 14.47 -1.97
C SER B 108 21.75 14.69 -3.34
N PRO B 109 22.59 14.87 -4.38
CA PRO B 109 21.98 15.11 -5.69
C PRO B 109 21.27 13.87 -6.21
N LYS B 110 21.76 12.68 -5.86
CA LYS B 110 21.07 11.43 -6.22
C LYS B 110 19.68 11.42 -5.58
N GLU B 111 19.63 11.80 -4.31
CA GLU B 111 18.37 11.83 -3.57
C GLU B 111 17.42 12.94 -4.06
N LEU B 112 17.97 14.08 -4.46
CA LEU B 112 17.15 15.15 -4.95
C LEU B 112 16.43 14.65 -6.20
N VAL B 113 17.19 14.05 -7.10
CA VAL B 113 16.61 13.55 -8.34
C VAL B 113 15.60 12.43 -8.07
N ALA B 114 15.97 11.46 -7.22
CA ALA B 114 15.04 10.39 -6.81
C ALA B 114 13.70 10.94 -6.25
N ARG B 115 13.74 12.00 -5.43
CA ARG B 115 12.51 12.57 -4.89
C ARG B 115 11.68 13.35 -5.91
N ILE B 116 12.34 14.09 -6.79
CA ILE B 116 11.62 14.72 -7.92
C ILE B 116 10.87 13.68 -8.76
N LYS B 117 11.54 12.60 -9.12
CA LYS B 117 10.91 11.52 -9.91
C LYS B 117 9.77 10.88 -9.11
N ALA B 118 10.00 10.67 -7.82
CA ALA B 118 8.94 10.12 -6.95
C ALA B 118 7.70 10.98 -6.96
N VAL B 119 7.86 12.28 -6.74
CA VAL B 119 6.75 13.22 -6.74
C VAL B 119 6.06 13.19 -8.10
N MET B 120 6.84 13.33 -9.18
CA MET B 120 6.27 13.39 -10.54
C MET B 120 5.54 12.08 -10.93
N ARG B 121 6.02 10.96 -10.40
CA ARG B 121 5.41 9.64 -10.52
C ARG B 121 3.94 9.58 -10.18
N ARG B 122 3.48 10.47 -9.29
CA ARG B 122 2.06 10.61 -8.97
C ARG B 122 1.39 11.67 -9.84
N ARG C 3 -9.01 7.43 6.44
CA ARG C 3 -8.04 6.77 5.51
C ARG C 3 -7.35 5.61 6.22
N ARG C 4 -7.27 4.51 5.49
CA ARG C 4 -6.80 3.23 6.01
C ARG C 4 -5.30 3.20 5.71
N ILE C 5 -4.48 3.06 6.75
CA ILE C 5 -3.01 3.02 6.58
C ILE C 5 -2.47 1.63 6.99
N LEU C 6 -1.88 0.91 6.05
CA LEU C 6 -1.23 -0.36 6.36
C LEU C 6 0.17 -0.09 6.94
N VAL C 7 0.37 -0.44 8.19
CA VAL C 7 1.65 -0.23 8.90
C VAL C 7 2.40 -1.57 8.93
N VAL C 8 3.44 -1.67 8.10
CA VAL C 8 4.24 -2.89 7.94
C VAL C 8 5.56 -2.64 8.66
N GLU C 9 5.70 -3.29 9.81
CA GLU C 9 6.80 -3.06 10.74
C GLU C 9 6.85 -4.29 11.61
N ASP C 10 7.99 -4.97 11.66
CA ASP C 10 8.11 -6.17 12.49
C ASP C 10 8.19 -5.94 13.99
N GLU C 11 8.80 -4.83 14.40
CA GLU C 11 8.99 -4.59 15.83
C GLU C 11 7.71 -4.02 16.44
N ALA C 12 7.02 -4.82 17.25
CA ALA C 12 5.72 -4.41 17.80
C ALA C 12 5.76 -3.08 18.57
N PRO C 13 6.81 -2.83 19.37
CA PRO C 13 6.78 -1.52 20.06
C PRO C 13 6.83 -0.28 19.15
N ILE C 14 7.49 -0.37 17.99
CA ILE C 14 7.46 0.72 17.01
C ILE C 14 6.09 0.72 16.28
N ARG C 15 5.64 -0.44 15.84
CA ARG C 15 4.39 -0.53 15.09
C ARG C 15 3.25 0.01 15.93
N GLU C 16 3.22 -0.31 17.22
CA GLU C 16 2.05 0.05 18.02
C GLU C 16 2.00 1.54 18.31
N MET C 17 3.17 2.14 18.58
CA MET C 17 3.30 3.57 18.75
C MET C 17 2.95 4.29 17.47
N VAL C 18 3.37 3.76 16.33
CA VAL C 18 2.99 4.39 15.06
C VAL C 18 1.45 4.33 14.89
N CYS C 19 0.87 3.18 15.20
CA CYS C 19 -0.59 3.03 15.15
C CYS C 19 -1.32 4.00 16.04
N PHE C 20 -0.85 4.15 17.28
CA PHE C 20 -1.39 5.19 18.15
C PHE C 20 -1.35 6.59 17.51
N VAL C 21 -0.17 6.99 17.04
CA VAL C 21 -0.03 8.29 16.38
C VAL C 21 -1.02 8.46 15.23
N LEU C 22 -1.25 7.38 14.48
CA LEU C 22 -2.09 7.47 13.29
C LEU C 22 -3.53 7.62 13.74
N GLU C 23 -3.95 6.81 14.71
CA GLU C 23 -5.29 6.98 15.32
C GLU C 23 -5.55 8.37 15.93
N GLN C 24 -4.55 8.96 16.59
CA GLN C 24 -4.57 10.30 17.16
C GLN C 24 -4.84 11.32 16.07
N ASN C 25 -4.35 11.01 14.88
CA ASN C 25 -4.46 11.95 13.79
C ASN C 25 -5.58 11.64 12.79
N GLY C 26 -6.53 10.79 13.22
CA GLY C 26 -7.72 10.48 12.43
C GLY C 26 -7.58 9.45 11.33
N PHE C 27 -6.57 8.60 11.42
CA PHE C 27 -6.41 7.53 10.48
C PHE C 27 -6.88 6.21 11.07
N GLN C 28 -7.24 5.26 10.21
CA GLN C 28 -7.47 3.89 10.63
C GLN C 28 -6.26 3.04 10.28
N PRO C 29 -5.38 2.79 11.26
CA PRO C 29 -4.22 1.94 10.97
C PRO C 29 -4.58 0.46 10.93
N VAL C 30 -3.82 -0.29 10.13
CA VAL C 30 -3.94 -1.75 10.04
C VAL C 30 -2.51 -2.30 10.09
N GLU C 31 -2.28 -3.39 10.82
CA GLU C 31 -0.90 -3.81 11.10
C GLU C 31 -0.49 -5.04 10.34
N ALA C 32 0.78 -5.07 9.89
CA ALA C 32 1.38 -6.28 9.39
C ALA C 32 2.78 -6.43 10.00
N GLU C 33 3.11 -7.60 10.55
CA GLU C 33 4.34 -7.75 11.35
C GLU C 33 5.49 -8.35 10.54
N ASP C 34 5.19 -8.75 9.30
CA ASP C 34 6.21 -9.32 8.41
C ASP C 34 5.79 -9.28 6.93
N TYR C 35 6.64 -9.80 6.03
CA TYR C 35 6.43 -9.68 4.58
C TYR C 35 5.11 -10.34 4.16
N ASP C 36 4.90 -11.59 4.57
CA ASP C 36 3.72 -12.30 4.10
C ASP C 36 2.43 -11.68 4.65
N SER C 37 2.51 -11.15 5.88
CA SER C 37 1.36 -10.46 6.50
C SER C 37 0.97 -9.24 5.68
N ALA C 38 1.97 -8.50 5.19
CA ALA C 38 1.74 -7.33 4.34
C ALA C 38 1.08 -7.68 3.01
N VAL C 39 1.61 -8.72 2.35
CA VAL C 39 1.01 -9.27 1.13
C VAL C 39 -0.46 -9.65 1.38
N ASN C 40 -0.73 -10.32 2.50
CA ASN C 40 -2.11 -10.67 2.85
C ASN C 40 -3.11 -9.51 3.02
N GLN C 41 -2.63 -8.27 3.19
CA GLN C 41 -3.52 -7.13 3.36
C GLN C 41 -3.82 -6.46 2.03
N LEU C 42 -3.28 -7.05 0.97
CA LEU C 42 -3.54 -6.61 -0.38
C LEU C 42 -4.87 -7.20 -0.88
N ASN C 43 -5.99 -6.69 -0.34
CA ASN C 43 -7.35 -7.10 -0.70
C ASN C 43 -8.31 -6.10 -0.08
N GLU C 44 -9.59 -6.14 -0.44
CA GLU C 44 -10.57 -5.18 0.12
C GLU C 44 -10.76 -5.45 1.61
N PRO C 45 -10.88 -4.39 2.45
CA PRO C 45 -10.70 -2.97 2.21
C PRO C 45 -9.24 -2.62 1.89
N TRP C 46 -9.02 -1.98 0.75
CA TRP C 46 -7.67 -1.65 0.36
C TRP C 46 -7.10 -0.56 1.29
N PRO C 47 -5.78 -0.65 1.64
CA PRO C 47 -5.12 0.47 2.28
C PRO C 47 -5.08 1.65 1.31
N ASP C 48 -5.22 2.84 1.89
CA ASP C 48 -5.12 4.06 1.16
C ASP C 48 -3.66 4.41 1.03
N LEU C 49 -2.81 3.92 1.94
CA LEU C 49 -1.38 4.20 1.93
C LEU C 49 -0.68 3.14 2.76
N ILE C 50 0.57 2.85 2.42
CA ILE C 50 1.36 1.83 3.10
C ILE C 50 2.58 2.49 3.75
N LEU C 51 2.67 2.40 5.08
CA LEU C 51 3.87 2.77 5.80
C LEU C 51 4.75 1.52 5.94
N LEU C 52 5.98 1.60 5.43
CA LEU C 52 6.70 0.38 5.10
C LEU C 52 8.14 0.33 5.65
N ASP C 53 8.36 -0.51 6.65
CA ASP C 53 9.70 -0.83 7.11
C ASP C 53 10.50 -1.64 6.04
N TRP C 54 11.83 -1.57 6.10
CA TRP C 54 12.67 -2.29 5.14
C TRP C 54 13.01 -3.71 5.59
N MET C 55 13.66 -3.85 6.71
CA MET C 55 14.13 -5.14 7.20
C MET C 55 13.01 -5.86 7.95
N LEU C 56 12.49 -6.92 7.31
CA LEU C 56 11.33 -7.65 7.81
C LEU C 56 11.59 -9.15 7.76
N PRO C 57 10.93 -9.91 8.65
CA PRO C 57 11.01 -11.37 8.49
C PRO C 57 10.30 -11.78 7.21
N GLY C 58 10.93 -12.68 6.45
CA GLY C 58 10.27 -13.24 5.26
C GLY C 58 10.50 -12.53 3.94
N GLY C 59 11.12 -11.34 3.97
CA GLY C 59 11.39 -10.61 2.72
C GLY C 59 11.40 -9.11 2.97
N SER C 60 12.09 -8.35 2.13
CA SER C 60 12.32 -6.93 2.44
C SER C 60 11.21 -6.02 1.96
N GLY C 61 11.23 -4.78 2.44
CA GLY C 61 10.28 -3.76 2.00
C GLY C 61 10.54 -3.40 0.54
N ILE C 62 11.79 -3.52 0.14
CA ILE C 62 12.18 -3.33 -1.24
C ILE C 62 11.52 -4.41 -2.08
N GLN C 63 11.63 -5.69 -1.70
CA GLN C 63 10.89 -6.71 -2.50
C GLN C 63 9.41 -6.45 -2.46
N PHE C 64 8.91 -5.97 -1.31
CA PHE C 64 7.47 -5.69 -1.23
C PHE C 64 6.97 -4.66 -2.27
N ILE C 65 7.74 -3.60 -2.49
CA ILE C 65 7.37 -2.55 -3.43
C ILE C 65 7.32 -3.12 -4.87
N LYS C 66 8.26 -4.00 -5.18
CA LYS C 66 8.28 -4.66 -6.50
C LYS C 66 7.07 -5.56 -6.67
N HIS C 67 6.73 -6.31 -5.62
CA HIS C 67 5.45 -7.01 -5.61
C HIS C 67 4.29 -6.08 -5.93
N LEU C 68 4.23 -4.92 -5.26
CA LEU C 68 3.14 -3.96 -5.51
C LEU C 68 3.08 -3.48 -6.95
N LYS C 69 4.25 -3.27 -7.57
CA LYS C 69 4.32 -2.68 -8.91
C LYS C 69 3.94 -3.66 -9.99
N ARG C 70 3.76 -4.94 -9.62
CA ARG C 70 3.42 -5.99 -10.57
C ARG C 70 1.95 -5.96 -11.02
N GLU C 71 1.08 -5.25 -10.28
CA GLU C 71 -0.36 -5.23 -10.60
C GLU C 71 -1.03 -3.86 -10.64
N SER C 72 -2.01 -3.70 -11.53
CA SER C 72 -2.81 -2.45 -11.60
C SER C 72 -3.36 -2.07 -10.24
N MET C 73 -4.08 -3.00 -9.59
CA MET C 73 -4.76 -2.70 -8.32
C MET C 73 -3.80 -2.18 -7.26
N THR C 74 -2.57 -2.72 -7.22
CA THR C 74 -1.62 -2.42 -6.15
C THR C 74 -0.56 -1.37 -6.49
N ARG C 75 -0.29 -1.17 -7.78
CA ARG C 75 0.77 -0.23 -8.18
C ARG C 75 0.37 1.19 -7.87
N ASP C 76 -0.90 1.38 -7.55
CA ASP C 76 -1.51 2.68 -7.26
C ASP C 76 -1.41 3.07 -5.80
N ILE C 77 -1.12 2.12 -4.95
CA ILE C 77 -1.13 2.38 -3.53
C ILE C 77 0.15 3.12 -3.12
N PRO C 78 0.02 4.34 -2.56
CA PRO C 78 1.27 5.01 -2.18
C PRO C 78 2.00 4.30 -1.06
N VAL C 79 3.33 4.44 -1.05
CA VAL C 79 4.19 3.77 -0.08
C VAL C 79 5.09 4.81 0.57
N VAL C 80 5.11 4.86 1.89
CA VAL C 80 6.10 5.68 2.59
C VAL C 80 6.98 4.77 3.41
N MET C 81 8.26 4.74 3.06
CA MET C 81 9.20 3.90 3.81
C MET C 81 9.57 4.54 5.14
N LEU C 82 9.71 3.71 6.17
CA LEU C 82 9.99 4.22 7.52
C LEU C 82 10.90 3.18 8.12
N THR C 83 12.20 3.49 8.13
CA THR C 83 13.22 2.45 8.25
C THR C 83 14.46 2.97 8.99
N ALA C 84 15.10 2.10 9.77
CA ALA C 84 16.39 2.41 10.36
C ALA C 84 17.51 2.55 9.32
N ARG C 85 17.25 2.18 8.08
CA ARG C 85 18.29 2.24 7.05
C ARG C 85 18.33 3.69 6.55
N GLY C 86 19.42 4.39 6.87
CA GLY C 86 19.45 5.85 6.65
C GLY C 86 20.60 6.32 5.77
N GLU C 87 21.42 5.41 5.29
CA GLU C 87 22.50 5.78 4.37
C GLU C 87 21.98 6.36 3.06
N GLU C 88 22.79 7.22 2.43
CA GLU C 88 22.42 7.81 1.15
C GLU C 88 21.83 6.79 0.16
N GLU C 89 22.57 5.72 -0.05
CA GLU C 89 22.20 4.68 -1.03
C GLU C 89 20.89 3.97 -0.66
N ASP C 90 20.63 3.87 0.63
CA ASP C 90 19.39 3.24 1.11
C ASP C 90 18.19 4.11 0.70
N ARG C 91 18.24 5.40 1.06
CA ARG C 91 17.17 6.35 0.72
C ARG C 91 16.87 6.37 -0.77
N VAL C 92 17.92 6.46 -1.58
CA VAL C 92 17.80 6.48 -3.02
C VAL C 92 17.22 5.17 -3.56
N ARG C 93 17.66 4.03 -3.03
CA ARG C 93 17.16 2.74 -3.54
C ARG C 93 15.70 2.59 -3.24
N GLY C 94 15.29 3.02 -2.05
CA GLY C 94 13.90 2.93 -1.65
C GLY C 94 12.99 3.72 -2.57
N LEU C 95 13.34 5.00 -2.77
CA LEU C 95 12.66 5.89 -3.71
C LEU C 95 12.69 5.41 -5.17
N GLU C 96 13.85 4.99 -5.64
CA GLU C 96 14.00 4.49 -7.01
C GLU C 96 13.17 3.24 -7.29
N THR C 97 13.09 2.35 -6.29
CA THR C 97 12.25 1.15 -6.39
C THR C 97 10.76 1.48 -6.49
N GLY C 98 10.33 2.63 -5.94
CA GLY C 98 8.93 3.01 -6.06
C GLY C 98 8.28 3.64 -4.84
N ALA C 99 9.03 3.82 -3.76
CA ALA C 99 8.47 4.54 -2.63
C ALA C 99 8.18 5.99 -3.01
N ASP C 100 7.09 6.52 -2.48
CA ASP C 100 6.65 7.91 -2.64
C ASP C 100 7.39 8.85 -1.71
N ASP C 101 7.79 8.33 -0.55
CA ASP C 101 8.60 9.05 0.42
C ASP C 101 9.41 8.06 1.25
N TYR C 102 10.33 8.57 2.05
CA TYR C 102 11.27 7.71 2.74
C TYR C 102 11.72 8.42 3.96
N ILE C 103 11.36 7.83 5.11
CA ILE C 103 11.61 8.47 6.41
C ILE C 103 12.52 7.59 7.24
N THR C 104 13.54 8.18 7.84
CA THR C 104 14.46 7.42 8.64
C THR C 104 14.10 7.40 10.14
N LYS C 105 14.42 6.29 10.82
CA LYS C 105 14.23 6.19 12.28
C LYS C 105 15.50 6.61 13.01
N PRO C 106 15.39 7.36 14.12
CA PRO C 106 14.20 7.78 14.86
C PRO C 106 13.56 8.92 14.11
N PHE C 107 12.26 9.09 14.27
CA PHE C 107 11.48 10.06 13.46
C PHE C 107 10.62 10.97 14.32
N SER C 108 10.33 12.14 13.78
CA SER C 108 9.36 13.04 14.38
C SER C 108 7.95 12.52 14.06
N PRO C 109 7.08 12.29 15.04
CA PRO C 109 5.75 11.87 14.64
C PRO C 109 4.93 12.98 13.95
N LYS C 110 5.18 14.25 14.29
CA LYS C 110 4.57 15.35 13.50
C LYS C 110 5.00 15.31 12.02
N GLU C 111 6.29 15.10 11.76
CA GLU C 111 6.75 15.05 10.36
C GLU C 111 6.24 13.78 9.67
N LEU C 112 6.19 12.67 10.40
CA LEU C 112 5.54 11.46 9.85
C LEU C 112 4.11 11.74 9.41
N VAL C 113 3.33 12.37 10.28
CA VAL C 113 1.93 12.67 9.93
C VAL C 113 1.85 13.64 8.74
N ALA C 114 2.78 14.61 8.71
CA ALA C 114 2.75 15.63 7.67
C ALA C 114 3.08 15.06 6.31
N ARG C 115 4.08 14.19 6.26
CA ARG C 115 4.44 13.53 5.00
C ARG C 115 3.34 12.60 4.48
N ILE C 116 2.70 11.85 5.37
CA ILE C 116 1.57 10.99 5.00
C ILE C 116 0.50 11.82 4.31
N LYS C 117 0.10 12.91 4.96
CA LYS C 117 -0.92 13.82 4.37
C LYS C 117 -0.46 14.40 3.01
N ALA C 118 0.81 14.83 2.94
CA ALA C 118 1.44 15.35 1.71
C ALA C 118 1.29 14.37 0.54
N VAL C 119 1.65 13.12 0.77
CA VAL C 119 1.57 12.08 -0.26
C VAL C 119 0.11 11.80 -0.68
N MET C 120 -0.77 11.71 0.30
CA MET C 120 -2.20 11.44 0.08
C MET C 120 -2.89 12.56 -0.67
N ARG C 121 -2.47 13.78 -0.36
CA ARG C 121 -2.91 14.99 -1.07
C ARG C 121 -2.65 14.91 -2.59
N ARG C 122 -1.59 14.22 -3.02
CA ARG C 122 -1.34 14.06 -4.45
C ARG C 122 -1.35 12.59 -4.83
#